data_3VO3
#
_entry.id   3VO3
#
_cell.length_a   134.093
_cell.length_b   55.770
_cell.length_c   51.572
_cell.angle_alpha   90.000
_cell.angle_beta   94.410
_cell.angle_gamma   90.000
#
_symmetry.space_group_name_H-M   'C 1 2 1'
#
loop_
_entity.id
_entity.type
_entity.pdbx_description
1 polymer 'Vascular endothelial growth factor receptor 2'
2 non-polymer N-[3-({2-[(cyclopropylcarbonyl)amino]imidazo[1,2-b]pyridazin-6-yl}oxy)phenyl]-1,3-dimethyl-1H-pyrazole-5-carboxamide
3 non-polymer 1,2-ETHANEDIOL
4 water water
#
_entity_poly.entity_id   1
_entity_poly.type   'polypeptide(L)'
_entity_poly.pdbx_seq_one_letter_code
;GAMDPDELPLDEHCERLPYDASKWEFPRDRLKLGKPLGRGAFGQVIEADAFGIDKTATCRTVAVKMLKEGATHSEHRALM
SELKILIHIGHHLNVVNLLGACTKPGGPLMVIVEFCKFGNLSTYLRSKRNEFVPYKEAPEDLYKDFLTLEHLICYSFQVA
KGMEFLASRKCIHRDLAARNILLSEKNVVKICDFGLARDIYKDPDYVRKGDARLPLKWMAPETIFDRVYTIQSDVWSFGV
LLWEIFSLGASPYPGVKIDEEFCRRLKEGTRMRAPDYTTPEMYQTMLDCWHGEPSQRPTFSELVEHLGNLLQANAQQD
;
_entity_poly.pdbx_strand_id   A
#
loop_
_chem_comp.id
_chem_comp.type
_chem_comp.name
_chem_comp.formula
0KF non-polymer N-[3-({2-[(cyclopropylcarbonyl)amino]imidazo[1,2-b]pyridazin-6-yl}oxy)phenyl]-1,3-dimethyl-1H-pyrazole-5-carboxamide 'C22 H21 N7 O3'
EDO non-polymer 1,2-ETHANEDIOL 'C2 H6 O2'
#
# COMPACT_ATOMS: atom_id res chain seq x y z
N PRO A 9 -10.69 9.14 -13.01
CA PRO A 9 -10.60 9.07 -11.55
C PRO A 9 -10.81 10.44 -10.90
N LEU A 10 -11.40 10.44 -9.71
CA LEU A 10 -11.70 11.71 -9.03
C LEU A 10 -10.64 12.08 -7.99
N ASP A 11 -9.68 11.20 -7.79
CA ASP A 11 -8.65 11.44 -6.77
C ASP A 11 -7.57 12.39 -7.24
N GLU A 12 -7.78 12.97 -8.41
CA GLU A 12 -6.90 13.98 -9.00
C GLU A 12 -7.44 15.38 -8.73
N HIS A 13 -8.69 15.45 -8.29
CA HIS A 13 -9.38 16.72 -8.06
C HIS A 13 -9.98 16.71 -6.66
N CYS A 14 -9.13 16.32 -5.70
N CYS A 14 -9.16 16.31 -5.70
CA CYS A 14 -9.51 16.14 -4.30
CA CYS A 14 -9.61 16.10 -4.32
C CYS A 14 -9.98 17.40 -3.61
C CYS A 14 -9.90 17.39 -3.55
N GLU A 15 -9.47 18.54 -4.06
CA GLU A 15 -9.68 19.80 -3.36
C GLU A 15 -11.15 20.19 -3.24
N ARG A 16 -11.99 19.61 -4.10
CA ARG A 16 -13.41 19.91 -4.10
C ARG A 16 -14.19 19.03 -3.13
N LEU A 17 -13.51 18.06 -2.52
CA LEU A 17 -14.18 17.09 -1.66
C LEU A 17 -14.42 17.65 -0.27
N PRO A 18 -15.45 17.17 0.43
CA PRO A 18 -15.79 17.71 1.74
C PRO A 18 -14.89 17.24 2.85
N TYR A 19 -14.64 18.16 3.79
CA TYR A 19 -14.14 17.76 5.10
C TYR A 19 -15.19 18.14 6.14
N ASP A 20 -15.90 17.13 6.64
CA ASP A 20 -16.95 17.35 7.62
C ASP A 20 -16.34 17.29 9.01
N ALA A 21 -15.95 18.45 9.53
CA ALA A 21 -15.30 18.54 10.83
C ALA A 21 -16.19 17.99 11.95
N SER A 22 -17.49 18.21 11.85
CA SER A 22 -18.40 17.73 12.90
C SER A 22 -18.30 16.22 13.07
N LYS A 23 -17.99 15.51 12.00
CA LYS A 23 -17.86 14.07 12.04
C LYS A 23 -16.43 13.61 12.37
N TRP A 24 -15.44 14.26 11.75
CA TRP A 24 -14.09 13.74 11.75
C TRP A 24 -13.11 14.40 12.69
N GLU A 25 -13.39 15.64 13.11
CA GLU A 25 -12.42 16.38 13.90
C GLU A 25 -12.25 15.74 15.26
N PHE A 26 -10.99 15.54 15.64
CA PHE A 26 -10.63 14.88 16.89
C PHE A 26 -9.77 15.87 17.67
N PRO A 27 -10.10 16.13 18.94
CA PRO A 27 -9.34 17.11 19.71
C PRO A 27 -7.89 16.68 19.91
N ARG A 28 -6.95 17.60 19.72
CA ARG A 28 -5.52 17.26 19.87
C ARG A 28 -5.20 16.76 21.28
N ASP A 29 -5.93 17.26 22.27
CA ASP A 29 -5.67 16.87 23.66
C ASP A 29 -6.14 15.45 24.00
N ARG A 30 -6.73 14.77 23.03
CA ARG A 30 -7.12 13.38 23.24
C ARG A 30 -6.17 12.43 22.52
N LEU A 31 -5.08 12.99 22.01
CA LEU A 31 -4.13 12.23 21.24
C LEU A 31 -2.77 12.33 21.92
N LYS A 32 -2.28 11.19 22.41
CA LYS A 32 -0.95 11.12 23.02
C LYS A 32 0.03 10.59 21.98
N LEU A 33 0.88 11.48 21.46
CA LEU A 33 1.83 11.12 20.41
C LEU A 33 2.99 10.31 20.94
N GLY A 34 3.35 9.27 20.19
CA GLY A 34 4.44 8.40 20.56
C GLY A 34 5.58 8.48 19.57
N LYS A 35 6.20 7.33 19.32
CA LYS A 35 7.40 7.22 18.49
C LYS A 35 7.06 7.21 17.00
N PRO A 36 8.00 7.71 16.17
CA PRO A 36 7.75 7.65 14.73
C PRO A 36 7.74 6.22 14.20
N LEU A 37 6.84 5.99 13.25
CA LEU A 37 6.73 4.73 12.54
C LEU A 37 7.43 4.83 11.20
N GLY A 38 7.59 6.06 10.71
CA GLY A 38 8.35 6.33 9.50
C GLY A 38 8.48 7.82 9.30
N ARG A 39 9.60 8.23 8.73
CA ARG A 39 9.83 9.64 8.45
C ARG A 39 10.43 9.84 7.08
N GLY A 40 9.93 10.85 6.37
CA GLY A 40 10.46 11.20 5.06
C GLY A 40 11.13 12.55 5.12
N ALA A 41 11.21 13.23 3.98
CA ALA A 41 11.76 14.58 3.93
C ALA A 41 10.80 15.59 4.53
N PHE A 42 9.51 15.41 4.24
CA PHE A 42 8.50 16.40 4.59
C PHE A 42 7.41 15.87 5.47
N GLY A 43 7.28 14.54 5.55
CA GLY A 43 6.19 13.94 6.30
C GLY A 43 6.67 12.86 7.26
N GLN A 44 5.77 12.42 8.12
CA GLN A 44 6.08 11.34 9.04
C GLN A 44 4.78 10.71 9.50
N VAL A 45 4.88 9.46 9.91
CA VAL A 45 3.79 8.77 10.57
C VAL A 45 4.25 8.45 11.98
N ILE A 46 3.42 8.79 12.96
CA ILE A 46 3.72 8.63 14.37
C ILE A 46 2.70 7.68 14.98
N GLU A 47 3.17 6.79 15.86
CA GLU A 47 2.28 5.97 16.65
C GLU A 47 1.68 6.87 17.73
N ALA A 48 0.38 6.72 18.00
CA ALA A 48 -0.24 7.53 19.04
C ALA A 48 -1.30 6.74 19.76
N ASP A 49 -1.66 7.20 20.96
CA ASP A 49 -2.79 6.64 21.67
C ASP A 49 -3.91 7.66 21.63
N ALA A 50 -5.03 7.27 21.05
CA ALA A 50 -6.15 8.19 20.86
C ALA A 50 -7.26 7.80 21.82
N PHE A 51 -7.69 8.74 22.63
CA PHE A 51 -8.71 8.43 23.60
C PHE A 51 -10.11 8.63 23.03
N GLY A 52 -10.82 7.52 22.87
CA GLY A 52 -12.21 7.55 22.42
C GLY A 52 -12.40 7.96 20.97
N ILE A 53 -11.42 7.66 20.12
CA ILE A 53 -11.56 8.04 18.71
C ILE A 53 -12.62 7.23 17.98
N ASP A 54 -12.77 5.95 18.32
CA ASP A 54 -13.77 5.14 17.61
C ASP A 54 -14.72 4.33 18.47
N LYS A 55 -14.42 4.26 19.76
CA LYS A 55 -15.26 3.60 20.73
C LYS A 55 -15.23 4.48 21.98
N THR A 56 -16.40 4.77 22.53
CA THR A 56 -16.49 5.68 23.67
C THR A 56 -15.50 5.31 24.77
N ALA A 57 -14.72 6.30 25.20
CA ALA A 57 -13.88 6.18 26.40
C ALA A 57 -12.86 5.05 26.30
N THR A 58 -12.51 4.69 25.09
CA THR A 58 -11.59 3.59 24.86
C THR A 58 -10.32 4.12 24.22
N CYS A 59 -9.19 3.82 24.86
CA CYS A 59 -7.91 4.16 24.27
CA CYS A 59 -7.87 4.12 24.30
C CYS A 59 -7.60 3.21 23.12
N ARG A 60 -7.10 3.78 22.03
CA ARG A 60 -6.80 3.02 20.84
C ARG A 60 -5.46 3.48 20.30
N THR A 61 -4.60 2.53 19.99
CA THR A 61 -3.38 2.84 19.28
C THR A 61 -3.73 3.14 17.83
N VAL A 62 -3.20 4.26 17.34
CA VAL A 62 -3.49 4.72 15.99
C VAL A 62 -2.18 5.13 15.32
N ALA A 63 -2.23 5.37 14.01
CA ALA A 63 -1.10 5.88 13.25
C ALA A 63 -1.49 7.26 12.76
N VAL A 64 -0.61 8.22 12.95
CA VAL A 64 -0.92 9.62 12.66
C VAL A 64 0.05 10.13 11.62
N LYS A 65 -0.46 10.53 10.46
CA LYS A 65 0.38 11.17 9.47
C LYS A 65 0.36 12.68 9.67
N MET A 66 1.53 13.28 9.67
CA MET A 66 1.63 14.72 9.83
C MET A 66 2.91 15.14 9.17
N LEU A 67 3.13 16.44 9.08
CA LEU A 67 4.32 16.95 8.42
C LEU A 67 5.44 17.13 9.41
N LYS A 68 6.60 17.52 8.90
CA LYS A 68 7.75 17.71 9.73
C LYS A 68 8.61 18.81 9.17
N GLU A 69 9.69 19.13 9.88
CA GLU A 69 10.62 20.16 9.43
C GLU A 69 11.03 19.91 7.99
N GLY A 70 10.90 20.94 7.15
CA GLY A 70 11.17 20.80 5.73
C GLY A 70 9.92 21.01 4.91
N ALA A 71 8.79 20.59 5.46
CA ALA A 71 7.51 20.75 4.78
C ALA A 71 7.14 22.21 4.64
N THR A 72 6.36 22.50 3.60
CA THR A 72 5.89 23.86 3.34
C THR A 72 4.38 23.83 3.24
N HIS A 73 3.78 24.99 2.96
CA HIS A 73 2.33 25.04 2.77
C HIS A 73 1.86 24.08 1.66
N SER A 74 2.73 23.81 0.69
CA SER A 74 2.39 22.90 -0.40
CA SER A 74 2.42 22.89 -0.40
C SER A 74 2.11 21.50 0.14
N GLU A 75 2.96 21.02 1.04
CA GLU A 75 2.76 19.71 1.63
C GLU A 75 1.54 19.69 2.54
N HIS A 76 1.27 20.82 3.20
CA HIS A 76 0.09 20.92 4.03
C HIS A 76 -1.17 20.74 3.18
N ARG A 77 -1.20 21.41 2.04
CA ARG A 77 -2.31 21.28 1.10
C ARG A 77 -2.44 19.83 0.65
N ALA A 78 -1.29 19.18 0.37
CA ALA A 78 -1.31 17.79 -0.08
C ALA A 78 -1.89 16.87 0.98
N LEU A 79 -1.53 17.11 2.24
CA LEU A 79 -2.01 16.27 3.32
C LEU A 79 -3.50 16.48 3.55
N MET A 80 -3.95 17.72 3.39
CA MET A 80 -5.38 17.98 3.44
C MET A 80 -6.15 17.25 2.33
N SER A 81 -5.57 17.22 1.13
CA SER A 81 -6.20 16.46 0.05
C SER A 81 -6.23 14.96 0.36
N GLU A 82 -5.18 14.45 0.98
CA GLU A 82 -5.17 13.05 1.40
C GLU A 82 -6.31 12.78 2.39
N LEU A 83 -6.49 13.67 3.37
CA LEU A 83 -7.58 13.54 4.32
C LEU A 83 -8.94 13.46 3.60
N LYS A 84 -9.15 14.39 2.67
CA LYS A 84 -10.41 14.42 1.92
C LYS A 84 -10.62 13.14 1.11
N ILE A 85 -9.57 12.63 0.48
CA ILE A 85 -9.76 11.44 -0.34
C ILE A 85 -10.00 10.22 0.55
N LEU A 86 -9.37 10.18 1.72
CA LEU A 86 -9.62 9.08 2.66
C LEU A 86 -11.08 9.06 3.10
N ILE A 87 -11.66 10.24 3.28
CA ILE A 87 -13.06 10.30 3.66
C ILE A 87 -13.91 9.77 2.50
N HIS A 88 -13.59 10.21 1.29
CA HIS A 88 -14.31 9.75 0.13
C HIS A 88 -14.21 8.23 -0.03
N ILE A 89 -13.01 7.69 0.10
CA ILE A 89 -12.81 6.27 -0.04
C ILE A 89 -13.68 5.51 0.96
N GLY A 90 -13.63 5.95 2.22
CA GLY A 90 -14.35 5.27 3.30
C GLY A 90 -13.69 3.98 3.70
N HIS A 91 -14.41 3.18 4.47
CA HIS A 91 -13.78 2.05 5.13
C HIS A 91 -13.96 0.71 4.43
N HIS A 92 -12.90 -0.09 4.49
CA HIS A 92 -12.92 -1.45 4.02
C HIS A 92 -11.91 -2.19 4.85
N LEU A 93 -12.13 -3.48 5.07
CA LEU A 93 -11.19 -4.27 5.87
C LEU A 93 -9.76 -4.15 5.35
N ASN A 94 -9.60 -4.07 4.04
CA ASN A 94 -8.27 -4.18 3.44
C ASN A 94 -7.67 -2.88 2.96
N VAL A 95 -8.17 -1.78 3.52
CA VAL A 95 -7.55 -0.48 3.32
C VAL A 95 -7.32 0.11 4.71
N VAL A 96 -6.24 0.86 4.87
CA VAL A 96 -6.03 1.60 6.09
C VAL A 96 -7.14 2.63 6.18
N ASN A 97 -7.91 2.58 7.26
CA ASN A 97 -9.11 3.42 7.37
C ASN A 97 -8.89 4.64 8.25
N LEU A 98 -9.42 5.76 7.77
CA LEU A 98 -9.42 7.01 8.51
C LEU A 98 -10.28 6.89 9.77
N LEU A 99 -9.71 7.37 10.87
CA LEU A 99 -10.42 7.40 12.16
C LEU A 99 -10.77 8.80 12.62
N GLY A 100 -9.97 9.79 12.21
CA GLY A 100 -10.24 11.16 12.61
C GLY A 100 -9.13 12.05 12.11
N ALA A 101 -9.27 13.34 12.37
CA ALA A 101 -8.24 14.28 11.96
C ALA A 101 -8.18 15.45 12.92
N CYS A 102 -7.00 16.06 13.00
CA CYS A 102 -6.85 17.32 13.71
C CYS A 102 -6.50 18.35 12.67
N THR A 103 -7.41 19.30 12.45
CA THR A 103 -7.23 20.29 11.39
C THR A 103 -7.31 21.71 11.92
N LYS A 104 -7.65 21.86 13.20
CA LYS A 104 -7.85 23.18 13.80
C LYS A 104 -6.56 23.99 13.83
N PRO A 105 -6.66 25.31 13.63
CA PRO A 105 -5.49 26.18 13.69
C PRO A 105 -4.76 26.05 15.02
N GLY A 106 -3.46 26.30 15.01
CA GLY A 106 -2.66 26.30 16.22
C GLY A 106 -1.88 25.03 16.45
N GLY A 107 -2.11 24.04 15.58
CA GLY A 107 -1.32 22.82 15.60
C GLY A 107 -1.23 22.24 14.21
N PRO A 108 -0.42 21.18 14.05
CA PRO A 108 -0.24 20.55 12.75
C PRO A 108 -1.48 19.79 12.29
N LEU A 109 -1.65 19.72 10.98
CA LEU A 109 -2.65 18.86 10.40
C LEU A 109 -2.24 17.42 10.68
N MET A 110 -3.18 16.66 11.24
CA MET A 110 -2.90 15.27 11.59
C MET A 110 -3.99 14.38 11.03
N VAL A 111 -3.58 13.36 10.28
CA VAL A 111 -4.51 12.43 9.66
C VAL A 111 -4.37 11.11 10.42
N ILE A 112 -5.44 10.72 11.11
CA ILE A 112 -5.36 9.63 12.07
C ILE A 112 -6.05 8.42 11.50
N VAL A 113 -5.30 7.33 11.38
CA VAL A 113 -5.81 6.11 10.77
C VAL A 113 -5.52 4.91 11.65
N GLU A 114 -6.11 3.77 11.28
CA GLU A 114 -5.85 2.51 11.96
C GLU A 114 -4.37 2.19 12.00
N PHE A 115 -3.92 1.72 13.16
CA PHE A 115 -2.56 1.24 13.31
C PHE A 115 -2.49 -0.25 12.98
N CYS A 116 -1.48 -0.66 12.22
CA CYS A 116 -1.29 -2.05 11.84
C CYS A 116 -0.07 -2.60 12.55
N LYS A 117 -0.31 -3.51 13.50
CA LYS A 117 0.70 -3.98 14.43
C LYS A 117 2.06 -4.39 13.81
N PHE A 118 2.00 -5.11 12.69
CA PHE A 118 3.19 -5.74 12.15
C PHE A 118 3.86 -4.94 11.04
N GLY A 119 3.22 -3.85 10.62
CA GLY A 119 3.85 -2.93 9.69
C GLY A 119 3.98 -3.50 8.30
N ASN A 120 4.96 -3.00 7.55
CA ASN A 120 4.96 -3.28 6.14
C ASN A 120 5.24 -4.75 5.80
N LEU A 121 4.51 -5.20 4.78
CA LEU A 121 4.48 -6.61 4.46
C LEU A 121 5.81 -7.10 3.91
N SER A 122 6.52 -6.27 3.16
CA SER A 122 7.82 -6.70 2.62
C SER A 122 8.79 -7.06 3.74
N THR A 123 8.95 -6.14 4.69
CA THR A 123 9.84 -6.35 5.83
C THR A 123 9.39 -7.55 6.64
N TYR A 124 8.08 -7.66 6.86
CA TYR A 124 7.55 -8.76 7.64
C TYR A 124 7.84 -10.10 6.97
N LEU A 125 7.53 -10.21 5.68
CA LEU A 125 7.76 -11.48 5.00
C LEU A 125 9.24 -11.84 4.98
N ARG A 126 10.09 -10.84 4.80
CA ARG A 126 11.53 -11.09 4.81
C ARG A 126 12.01 -11.61 6.15
N SER A 127 11.26 -11.31 7.21
CA SER A 127 11.62 -11.74 8.56
C SER A 127 11.15 -13.17 8.83
N LYS A 128 10.34 -13.71 7.93
CA LYS A 128 9.73 -15.03 8.11
C LYS A 128 10.29 -16.15 7.23
N ARG A 129 11.41 -15.90 6.54
CA ARG A 129 12.00 -16.93 5.67
C ARG A 129 12.26 -18.25 6.41
N ASN A 130 12.62 -18.13 7.68
CA ASN A 130 12.98 -19.26 8.54
C ASN A 130 11.75 -19.81 9.26
N GLU A 131 10.59 -19.25 8.93
CA GLU A 131 9.33 -19.56 9.61
C GLU A 131 8.23 -19.66 8.54
N PHE A 132 8.53 -20.44 7.51
CA PHE A 132 7.62 -20.69 6.42
C PHE A 132 7.61 -22.18 6.07
N VAL A 133 6.42 -22.74 5.92
CA VAL A 133 6.24 -24.06 5.37
C VAL A 133 5.07 -23.97 4.42
N PRO A 134 5.17 -24.58 3.24
CA PRO A 134 4.04 -24.44 2.28
C PRO A 134 2.71 -24.89 2.87
N TYR A 135 2.73 -26.00 3.60
CA TYR A 135 1.55 -26.54 4.26
C TYR A 135 1.89 -27.02 5.65
N LYS A 136 0.94 -26.90 6.57
CA LYS A 136 1.01 -27.55 7.88
C LYS A 136 -0.36 -28.07 8.33
N ASP A 141 2.13 -27.28 16.44
CA ASP A 141 2.85 -26.78 17.61
C ASP A 141 4.17 -26.15 17.20
N LEU A 142 5.03 -26.95 16.57
CA LEU A 142 6.33 -26.47 16.07
C LEU A 142 6.15 -25.30 15.11
N TYR A 143 5.12 -25.37 14.29
CA TYR A 143 4.91 -24.40 13.21
C TYR A 143 3.81 -23.41 13.52
N LYS A 144 3.55 -23.20 14.80
CA LYS A 144 2.46 -22.36 15.29
C LYS A 144 2.36 -20.98 14.60
N ASP A 145 3.47 -20.25 14.57
CA ASP A 145 3.48 -18.90 14.02
C ASP A 145 4.10 -18.86 12.63
N PHE A 146 4.24 -20.02 11.99
CA PHE A 146 4.80 -20.11 10.65
C PHE A 146 3.82 -19.57 9.61
N LEU A 147 4.36 -18.89 8.59
CA LEU A 147 3.60 -18.56 7.40
C LEU A 147 3.51 -19.80 6.52
N THR A 148 2.47 -19.84 5.70
CA THR A 148 2.21 -20.95 4.82
C THR A 148 1.70 -20.40 3.49
N LEU A 149 1.57 -21.26 2.49
CA LEU A 149 0.99 -20.85 1.22
C LEU A 149 -0.37 -20.24 1.42
N GLU A 150 -1.15 -20.80 2.35
CA GLU A 150 -2.48 -20.25 2.63
C GLU A 150 -2.38 -18.79 3.03
N HIS A 151 -1.44 -18.46 3.90
CA HIS A 151 -1.24 -17.05 4.30
C HIS A 151 -0.93 -16.19 3.10
N LEU A 152 0.01 -16.64 2.26
CA LEU A 152 0.46 -15.83 1.13
C LEU A 152 -0.66 -15.59 0.13
N ILE A 153 -1.42 -16.64 -0.17
CA ILE A 153 -2.54 -16.49 -1.08
C ILE A 153 -3.62 -15.61 -0.46
N CYS A 154 -3.83 -15.80 0.84
CA CYS A 154 -4.78 -14.97 1.57
C CYS A 154 -4.41 -13.49 1.53
N TYR A 155 -3.14 -13.17 1.77
CA TYR A 155 -2.72 -11.76 1.68
C TYR A 155 -2.96 -11.23 0.29
N SER A 156 -2.66 -12.06 -0.71
CA SER A 156 -2.85 -11.65 -2.10
C SER A 156 -4.32 -11.33 -2.40
N PHE A 157 -5.19 -12.25 -2.00
CA PHE A 157 -6.63 -12.11 -2.11
C PHE A 157 -7.11 -10.84 -1.41
N GLN A 158 -6.61 -10.60 -0.20
CA GLN A 158 -7.03 -9.42 0.54
C GLN A 158 -6.62 -8.13 -0.15
N VAL A 159 -5.40 -8.09 -0.67
CA VAL A 159 -4.98 -6.86 -1.36
C VAL A 159 -5.83 -6.65 -2.61
N ALA A 160 -6.17 -7.73 -3.32
CA ALA A 160 -7.03 -7.63 -4.49
C ALA A 160 -8.39 -7.07 -4.08
N LYS A 161 -8.88 -7.52 -2.93
CA LYS A 161 -10.17 -7.03 -2.42
C LYS A 161 -10.10 -5.54 -2.11
N GLY A 162 -9.01 -5.11 -1.50
CA GLY A 162 -8.85 -3.71 -1.15
C GLY A 162 -8.73 -2.86 -2.39
N MET A 163 -8.01 -3.36 -3.41
CA MET A 163 -7.87 -2.63 -4.66
C MET A 163 -9.17 -2.58 -5.45
N GLU A 164 -9.92 -3.69 -5.42
CA GLU A 164 -11.25 -3.69 -6.03
C GLU A 164 -12.10 -2.61 -5.35
N PHE A 165 -11.97 -2.52 -4.03
CA PHE A 165 -12.71 -1.52 -3.30
C PHE A 165 -12.27 -0.11 -3.70
N LEU A 166 -10.97 0.13 -3.73
CA LEU A 166 -10.48 1.44 -4.15
C LEU A 166 -10.98 1.79 -5.54
N ALA A 167 -10.91 0.82 -6.46
CA ALA A 167 -11.45 1.04 -7.80
C ALA A 167 -12.93 1.42 -7.78
N SER A 168 -13.70 0.81 -6.88
CA SER A 168 -15.14 1.10 -6.79
C SER A 168 -15.39 2.53 -6.32
N ARG A 169 -14.39 3.13 -5.67
CA ARG A 169 -14.46 4.50 -5.20
C ARG A 169 -13.90 5.48 -6.24
N LYS A 170 -13.59 4.95 -7.43
CA LYS A 170 -13.03 5.73 -8.53
C LYS A 170 -11.67 6.33 -8.15
N CYS A 171 -10.92 5.57 -7.38
CA CYS A 171 -9.58 5.96 -6.99
C CYS A 171 -8.59 4.97 -7.57
N ILE A 172 -7.35 5.42 -7.73
CA ILE A 172 -6.27 4.53 -8.07
C ILE A 172 -5.12 4.78 -7.11
N HIS A 173 -4.28 3.78 -6.94
CA HIS A 173 -3.28 3.85 -5.91
C HIS A 173 -2.01 4.59 -6.35
N ARG A 174 -1.44 4.15 -7.47
CA ARG A 174 -0.25 4.75 -8.10
C ARG A 174 1.08 4.43 -7.42
N ASP A 175 1.06 3.71 -6.30
CA ASP A 175 2.32 3.26 -5.68
C ASP A 175 2.12 1.94 -4.97
N LEU A 176 1.42 1.03 -5.65
CA LEU A 176 1.15 -0.26 -5.06
C LEU A 176 2.42 -1.10 -5.03
N ALA A 177 2.69 -1.70 -3.88
CA ALA A 177 3.95 -2.41 -3.61
C ALA A 177 3.84 -3.00 -2.22
N ALA A 178 4.62 -4.02 -1.91
CA ALA A 178 4.53 -4.65 -0.58
C ALA A 178 4.87 -3.68 0.55
N ARG A 179 5.72 -2.69 0.27
CA ARG A 179 6.08 -1.67 1.26
C ARG A 179 4.88 -0.83 1.65
N ASN A 180 3.86 -0.85 0.80
CA ASN A 180 2.63 -0.10 1.07
C ASN A 180 1.47 -0.99 1.48
N ILE A 181 1.78 -2.23 1.87
CA ILE A 181 0.78 -3.13 2.43
C ILE A 181 1.17 -3.38 3.86
N LEU A 182 0.24 -3.17 4.78
CA LEU A 182 0.57 -3.31 6.20
C LEU A 182 -0.14 -4.52 6.76
N LEU A 183 0.53 -5.22 7.65
CA LEU A 183 -0.06 -6.39 8.27
C LEU A 183 -0.55 -6.05 9.66
N SER A 184 -1.82 -6.37 9.90
N SER A 184 -1.82 -6.35 9.91
CA SER A 184 -2.45 -6.15 11.18
CA SER A 184 -2.41 -6.16 11.22
C SER A 184 -2.63 -7.50 11.87
C SER A 184 -2.53 -7.49 11.95
N GLU A 185 -3.37 -7.51 12.98
CA GLU A 185 -3.63 -8.75 13.72
C GLU A 185 -4.55 -9.65 12.90
N LYS A 186 -4.57 -10.93 13.25
CA LYS A 186 -5.49 -11.90 12.64
C LYS A 186 -5.26 -12.02 11.12
N ASN A 187 -4.01 -11.83 10.71
CA ASN A 187 -3.61 -11.95 9.30
C ASN A 187 -4.37 -11.06 8.34
N VAL A 188 -4.84 -9.92 8.86
CA VAL A 188 -5.49 -8.93 8.00
C VAL A 188 -4.42 -8.02 7.43
N VAL A 189 -4.42 -7.86 6.09
CA VAL A 189 -3.53 -6.89 5.46
C VAL A 189 -4.31 -5.71 4.94
N LYS A 190 -3.68 -4.55 4.97
CA LYS A 190 -4.35 -3.32 4.57
C LYS A 190 -3.50 -2.51 3.63
N ILE A 191 -4.12 -1.97 2.59
CA ILE A 191 -3.43 -1.10 1.66
C ILE A 191 -3.23 0.25 2.28
N CYS A 192 -2.00 0.74 2.28
N CYS A 192 -2.00 0.73 2.16
CA CYS A 192 -1.78 2.11 2.70
CA CYS A 192 -1.55 1.98 2.76
C CYS A 192 -1.06 2.89 1.62
C CYS A 192 -0.93 2.85 1.66
N ASP A 193 -0.81 4.15 1.91
CA ASP A 193 0.01 4.99 1.04
C ASP A 193 0.83 5.83 2.02
N PHE A 194 2.07 5.42 2.22
CA PHE A 194 2.90 6.08 3.20
C PHE A 194 3.27 7.47 2.72
N GLY A 195 3.45 7.61 1.41
CA GLY A 195 3.57 8.91 0.77
C GLY A 195 4.74 9.72 1.28
N LEU A 196 4.43 10.90 1.82
CA LEU A 196 5.45 11.82 2.30
C LEU A 196 6.20 11.31 3.52
N ALA A 197 5.69 10.27 4.17
CA ALA A 197 6.33 9.71 5.35
C ALA A 197 7.47 8.77 4.98
N ARG A 198 7.65 8.57 3.68
CA ARG A 198 8.78 7.81 3.18
C ARG A 198 9.75 8.78 2.55
N ASP A 199 11.03 8.57 2.80
CA ASP A 199 12.07 9.37 2.17
C ASP A 199 12.41 8.76 0.81
N ILE A 200 11.73 9.23 -0.24
CA ILE A 200 11.89 8.62 -1.57
C ILE A 200 13.23 8.94 -2.23
N TYR A 201 13.86 10.03 -1.80
CA TYR A 201 15.18 10.38 -2.31
C TYR A 201 16.31 9.59 -1.65
N LYS A 202 15.94 8.74 -0.70
CA LYS A 202 16.87 7.90 0.06
C LYS A 202 16.50 6.41 -0.04
N ASP A 203 15.26 6.15 -0.43
CA ASP A 203 14.74 4.79 -0.56
C ASP A 203 15.13 4.21 -1.92
N PRO A 204 15.83 3.06 -1.93
CA PRO A 204 16.32 2.54 -3.21
C PRO A 204 15.22 2.06 -4.15
N ASP A 205 13.99 1.92 -3.62
CA ASP A 205 12.86 1.53 -4.45
C ASP A 205 12.39 2.65 -5.37
N TYR A 206 12.85 3.87 -5.09
CA TYR A 206 12.49 5.03 -5.90
C TYR A 206 13.73 5.51 -6.63
N VAL A 207 13.66 5.47 -7.96
CA VAL A 207 14.81 5.70 -8.81
C VAL A 207 14.65 7.06 -9.47
N ARG A 208 15.75 7.80 -9.59
CA ARG A 208 15.69 9.06 -10.31
C ARG A 208 15.43 8.86 -11.79
N LYS A 209 14.35 9.48 -12.27
CA LYS A 209 14.03 9.52 -13.68
C LYS A 209 13.58 10.95 -13.98
N GLY A 210 14.44 11.69 -14.68
CA GLY A 210 14.25 13.13 -14.85
C GLY A 210 14.49 13.83 -13.51
N ASP A 211 13.51 14.61 -13.06
CA ASP A 211 13.58 15.25 -11.76
C ASP A 211 12.51 14.67 -10.83
N ALA A 212 12.26 13.38 -11.00
CA ALA A 212 11.32 12.66 -10.16
C ALA A 212 12.02 11.44 -9.60
N ARG A 213 11.55 10.97 -8.44
CA ARG A 213 12.01 9.72 -7.86
C ARG A 213 10.82 8.77 -7.92
N LEU A 214 10.91 7.78 -8.79
CA LEU A 214 9.75 6.94 -9.12
C LEU A 214 9.99 5.47 -8.81
N PRO A 215 8.93 4.74 -8.42
CA PRO A 215 9.05 3.32 -8.11
C PRO A 215 9.11 2.46 -9.38
N LEU A 216 10.19 2.62 -10.13
CA LEU A 216 10.28 2.04 -11.49
C LEU A 216 10.02 0.54 -11.54
N LYS A 217 10.49 -0.20 -10.55
CA LYS A 217 10.32 -1.64 -10.58
C LYS A 217 8.87 -2.11 -10.43
N TRP A 218 7.99 -1.19 -10.05
CA TRP A 218 6.57 -1.50 -9.85
C TRP A 218 5.69 -0.92 -10.94
N MET A 219 6.29 -0.16 -11.85
CA MET A 219 5.52 0.62 -12.81
C MET A 219 5.27 -0.11 -14.13
N ALA A 220 4.04 -0.01 -14.60
CA ALA A 220 3.67 -0.54 -15.91
C ALA A 220 4.44 0.21 -17.01
N PRO A 221 4.72 -0.47 -18.14
CA PRO A 221 5.40 0.21 -19.24
C PRO A 221 4.73 1.52 -19.68
N GLU A 222 3.40 1.54 -19.71
CA GLU A 222 2.71 2.76 -20.14
C GLU A 222 2.89 3.89 -19.13
N THR A 223 3.14 3.54 -17.86
CA THR A 223 3.42 4.53 -16.84
C THR A 223 4.83 5.07 -17.04
N ILE A 224 5.78 4.16 -17.23
CA ILE A 224 7.17 4.54 -17.45
C ILE A 224 7.31 5.39 -18.69
N PHE A 225 6.75 4.92 -19.79
CA PHE A 225 6.98 5.55 -21.09
C PHE A 225 6.01 6.65 -21.45
N ASP A 226 4.79 6.55 -20.94
CA ASP A 226 3.72 7.45 -21.39
C ASP A 226 3.13 8.28 -20.27
N ARG A 227 3.64 8.11 -19.05
CA ARG A 227 3.15 8.82 -17.85
C ARG A 227 1.67 8.52 -17.58
N VAL A 228 1.22 7.34 -18.02
CA VAL A 228 -0.19 6.96 -17.91
C VAL A 228 -0.40 6.17 -16.61
N TYR A 229 -1.30 6.68 -15.76
CA TYR A 229 -1.69 6.01 -14.52
C TYR A 229 -3.17 5.68 -14.58
N THR A 230 -3.47 4.39 -14.49
CA THR A 230 -4.84 3.92 -14.48
C THR A 230 -4.95 2.76 -13.52
N ILE A 231 -6.19 2.31 -13.28
CA ILE A 231 -6.38 1.16 -12.43
C ILE A 231 -5.68 -0.07 -13.02
N GLN A 232 -5.55 -0.09 -14.34
CA GLN A 232 -4.87 -1.22 -15.00
C GLN A 232 -3.34 -1.14 -14.85
N SER A 233 -2.79 0.06 -14.69
CA SER A 233 -1.39 0.13 -14.32
C SER A 233 -1.20 -0.33 -12.86
N ASP A 234 -2.17 -0.05 -12.00
CA ASP A 234 -2.14 -0.64 -10.65
C ASP A 234 -2.16 -2.17 -10.69
N VAL A 235 -2.86 -2.75 -11.68
CA VAL A 235 -2.89 -4.20 -11.79
C VAL A 235 -1.47 -4.71 -12.08
N TRP A 236 -0.75 -4.00 -12.94
CA TRP A 236 0.64 -4.36 -13.19
C TRP A 236 1.42 -4.35 -11.88
N SER A 237 1.28 -3.28 -11.11
CA SER A 237 1.98 -3.16 -9.83
C SER A 237 1.55 -4.28 -8.91
N PHE A 238 0.26 -4.62 -8.94
CA PHE A 238 -0.21 -5.77 -8.15
C PHE A 238 0.52 -7.06 -8.52
N GLY A 239 0.82 -7.26 -9.80
CA GLY A 239 1.59 -8.44 -10.20
C GLY A 239 2.97 -8.42 -9.56
N VAL A 240 3.57 -7.25 -9.51
CA VAL A 240 4.88 -7.13 -8.84
C VAL A 240 4.74 -7.41 -7.35
N LEU A 241 3.68 -6.89 -6.74
CA LEU A 241 3.38 -7.18 -5.33
C LEU A 241 3.23 -8.69 -5.11
N LEU A 242 2.53 -9.37 -6.01
CA LEU A 242 2.42 -10.83 -5.91
C LEU A 242 3.80 -11.48 -5.92
N TRP A 243 4.68 -11.01 -6.79
CA TRP A 243 6.04 -11.55 -6.85
C TRP A 243 6.73 -11.30 -5.52
N GLU A 244 6.50 -10.13 -4.94
CA GLU A 244 7.10 -9.81 -3.65
C GLU A 244 6.56 -10.75 -2.58
N ILE A 245 5.26 -11.02 -2.62
CA ILE A 245 4.69 -11.90 -1.60
C ILE A 245 5.27 -13.30 -1.73
N PHE A 246 5.33 -13.81 -2.96
CA PHE A 246 5.74 -15.19 -3.18
C PHE A 246 7.24 -15.38 -3.32
N SER A 247 7.96 -14.29 -3.07
CA SER A 247 9.39 -14.35 -2.82
C SER A 247 9.68 -14.11 -1.35
N LEU A 248 8.64 -14.01 -0.53
CA LEU A 248 8.78 -13.61 0.89
C LEU A 248 9.61 -12.34 1.03
N GLY A 249 9.19 -11.31 0.32
CA GLY A 249 9.73 -9.97 0.51
C GLY A 249 11.05 -9.68 -0.15
N ALA A 250 11.38 -10.43 -1.20
CA ALA A 250 12.55 -10.11 -2.00
C ALA A 250 12.33 -8.85 -2.81
N SER A 251 13.43 -8.23 -3.21
CA SER A 251 13.34 -7.04 -4.04
C SER A 251 13.16 -7.47 -5.50
N PRO A 252 12.20 -6.87 -6.22
CA PRO A 252 11.98 -7.25 -7.62
C PRO A 252 13.17 -7.07 -8.55
N TYR A 253 13.14 -7.81 -9.64
CA TYR A 253 14.19 -7.80 -10.68
C TYR A 253 15.58 -8.00 -10.09
N PRO A 254 15.78 -9.11 -9.35
CA PRO A 254 17.09 -9.32 -8.76
C PRO A 254 18.17 -9.33 -9.83
N GLY A 255 19.26 -8.62 -9.55
CA GLY A 255 20.43 -8.59 -10.41
C GLY A 255 20.24 -7.85 -11.72
N VAL A 256 19.25 -6.95 -11.75
CA VAL A 256 18.99 -6.13 -12.91
C VAL A 256 19.22 -4.65 -12.57
N LYS A 257 20.06 -3.99 -13.36
CA LYS A 257 20.20 -2.54 -13.26
C LYS A 257 18.93 -1.89 -13.79
N ILE A 258 18.36 -1.01 -12.99
CA ILE A 258 17.12 -0.33 -13.35
C ILE A 258 17.48 0.93 -14.11
N ASP A 259 17.65 0.75 -15.42
CA ASP A 259 18.06 1.82 -16.32
C ASP A 259 17.21 1.82 -17.59
N GLU A 260 17.66 2.56 -18.60
CA GLU A 260 16.95 2.66 -19.87
C GLU A 260 16.78 1.29 -20.55
N GLU A 261 17.81 0.45 -20.43
CA GLU A 261 17.79 -0.90 -21.00
C GLU A 261 16.74 -1.79 -20.33
N PHE A 262 16.66 -1.72 -19.01
CA PHE A 262 15.60 -2.41 -18.26
C PHE A 262 14.23 -2.03 -18.84
N CYS A 263 14.00 -0.74 -19.00
CA CYS A 263 12.70 -0.24 -19.44
C CYS A 263 12.38 -0.74 -20.85
N ARG A 264 13.36 -0.68 -21.73
CA ARG A 264 13.22 -1.18 -23.09
C ARG A 264 12.88 -2.67 -23.10
N ARG A 265 13.65 -3.47 -22.36
CA ARG A 265 13.43 -4.92 -22.29
C ARG A 265 12.06 -5.24 -21.73
N LEU A 266 11.65 -4.49 -20.71
CA LEU A 266 10.33 -4.65 -20.11
C LEU A 266 9.26 -4.39 -21.15
N LYS A 267 9.39 -3.28 -21.88
CA LYS A 267 8.45 -2.96 -22.93
C LYS A 267 8.44 -4.06 -24.01
N GLU A 268 9.61 -4.63 -24.28
CA GLU A 268 9.73 -5.72 -25.25
C GLU A 268 9.06 -7.04 -24.82
N GLY A 269 8.82 -7.21 -23.53
CA GLY A 269 8.12 -8.39 -23.05
C GLY A 269 8.86 -9.26 -22.05
N THR A 270 10.07 -8.86 -21.67
CA THR A 270 10.86 -9.59 -20.67
C THR A 270 10.21 -9.45 -19.29
N ARG A 271 10.18 -10.57 -18.55
CA ARG A 271 9.50 -10.61 -17.26
C ARG A 271 10.33 -11.35 -16.22
N MET A 272 10.05 -11.06 -14.95
CA MET A 272 10.66 -11.79 -13.85
C MET A 272 10.35 -13.26 -13.94
N ARG A 273 11.29 -14.07 -13.49
CA ARG A 273 11.04 -15.50 -13.37
C ARG A 273 10.26 -15.76 -12.10
N ALA A 274 9.78 -17.00 -11.96
CA ALA A 274 8.94 -17.37 -10.83
C ALA A 274 9.75 -17.29 -9.54
N PRO A 275 9.16 -16.69 -8.50
CA PRO A 275 9.83 -16.61 -7.22
C PRO A 275 9.75 -17.92 -6.45
N ASP A 276 10.53 -18.03 -5.38
CA ASP A 276 10.80 -19.33 -4.75
C ASP A 276 9.58 -20.01 -4.16
N TYR A 277 8.59 -19.22 -3.73
CA TYR A 277 7.47 -19.80 -2.98
C TYR A 277 6.17 -19.86 -3.75
N THR A 278 6.22 -19.52 -5.03
CA THR A 278 5.01 -19.47 -5.82
C THR A 278 4.43 -20.83 -6.12
N THR A 279 3.14 -20.85 -6.42
CA THR A 279 2.53 -21.98 -7.08
C THR A 279 2.51 -21.65 -8.58
N PRO A 280 2.32 -22.66 -9.45
CA PRO A 280 2.28 -22.36 -10.87
C PRO A 280 1.14 -21.40 -11.23
N GLU A 281 0.00 -21.55 -10.58
CA GLU A 281 -1.15 -20.70 -10.86
C GLU A 281 -0.85 -19.26 -10.47
N MET A 282 -0.19 -19.08 -9.34
CA MET A 282 0.14 -17.74 -8.90
CA MET A 282 0.15 -17.74 -8.89
C MET A 282 1.14 -17.06 -9.83
N TYR A 283 2.10 -17.82 -10.35
CA TYR A 283 3.04 -17.22 -11.29
C TYR A 283 2.32 -16.82 -12.57
N GLN A 284 1.41 -17.67 -13.05
CA GLN A 284 0.66 -17.31 -14.24
C GLN A 284 -0.17 -16.04 -13.99
N THR A 285 -0.67 -15.88 -12.77
CA THR A 285 -1.42 -14.68 -12.40
C THR A 285 -0.50 -13.47 -12.47
N MET A 286 0.73 -13.60 -11.99
CA MET A 286 1.71 -12.52 -12.15
C MET A 286 1.89 -12.16 -13.63
N LEU A 287 2.12 -13.18 -14.46
CA LEU A 287 2.32 -12.93 -15.89
C LEU A 287 1.12 -12.25 -16.50
N ASP A 288 -0.08 -12.63 -16.05
CA ASP A 288 -1.31 -12.03 -16.55
C ASP A 288 -1.38 -10.55 -16.20
N CYS A 289 -1.01 -10.22 -14.97
CA CYS A 289 -0.99 -8.83 -14.51
C CYS A 289 0.06 -8.03 -15.27
N TRP A 290 1.05 -8.71 -15.80
CA TRP A 290 2.09 -8.05 -16.56
C TRP A 290 1.88 -8.09 -18.06
N HIS A 291 0.64 -8.26 -18.49
CA HIS A 291 0.35 -8.16 -19.92
C HIS A 291 0.81 -6.80 -20.42
N GLY A 292 1.44 -6.77 -21.59
CA GLY A 292 1.85 -5.51 -22.22
C GLY A 292 0.69 -4.57 -22.50
N GLU A 293 -0.47 -5.12 -22.81
CA GLU A 293 -1.69 -4.33 -23.09
C GLU A 293 -2.50 -4.19 -21.80
N PRO A 294 -2.65 -2.95 -21.29
CA PRO A 294 -3.39 -2.71 -20.05
C PRO A 294 -4.80 -3.33 -20.04
N SER A 295 -5.51 -3.24 -21.16
CA SER A 295 -6.87 -3.77 -21.20
C SER A 295 -6.92 -5.30 -21.17
N GLN A 296 -5.79 -5.95 -21.39
CA GLN A 296 -5.73 -7.42 -21.39
C GLN A 296 -5.28 -8.00 -20.05
N ARG A 297 -4.85 -7.12 -19.15
CA ARG A 297 -4.58 -7.50 -17.77
C ARG A 297 -5.91 -7.80 -17.11
N PRO A 298 -5.93 -8.72 -16.12
CA PRO A 298 -7.19 -8.93 -15.41
C PRO A 298 -7.60 -7.65 -14.69
N THR A 299 -8.87 -7.51 -14.38
CA THR A 299 -9.31 -6.43 -13.50
C THR A 299 -9.18 -6.89 -12.05
N PHE A 300 -9.26 -5.96 -11.11
CA PHE A 300 -9.19 -6.40 -9.71
C PHE A 300 -10.37 -7.29 -9.34
N SER A 301 -11.55 -7.01 -9.90
CA SER A 301 -12.69 -7.89 -9.67
C SER A 301 -12.43 -9.32 -10.14
N GLU A 302 -11.80 -9.45 -11.31
CA GLU A 302 -11.41 -10.77 -11.81
C GLU A 302 -10.34 -11.41 -10.94
N LEU A 303 -9.39 -10.60 -10.48
CA LEU A 303 -8.36 -11.11 -9.57
C LEU A 303 -8.94 -11.57 -8.25
N VAL A 304 -9.93 -10.86 -7.73
CA VAL A 304 -10.62 -11.27 -6.51
C VAL A 304 -11.23 -12.66 -6.68
N GLU A 305 -11.97 -12.86 -7.77
CA GLU A 305 -12.58 -14.14 -8.06
C GLU A 305 -11.50 -15.22 -8.15
N HIS A 306 -10.46 -14.92 -8.92
CA HIS A 306 -9.43 -15.90 -9.20
C HIS A 306 -8.67 -16.29 -7.94
N LEU A 307 -8.24 -15.29 -7.18
CA LEU A 307 -7.48 -15.56 -5.96
C LEU A 307 -8.34 -16.22 -4.91
N GLY A 308 -9.62 -15.88 -4.86
CA GLY A 308 -10.53 -16.57 -3.96
C GLY A 308 -10.56 -18.05 -4.29
N ASN A 309 -10.63 -18.36 -5.58
CA ASN A 309 -10.59 -19.75 -6.06
C ASN A 309 -9.27 -20.42 -5.70
N LEU A 310 -8.15 -19.73 -5.88
CA LEU A 310 -6.87 -20.35 -5.54
C LEU A 310 -6.73 -20.56 -4.04
N LEU A 311 -7.34 -19.68 -3.26
CA LEU A 311 -7.25 -19.78 -1.81
C LEU A 311 -8.03 -20.99 -1.34
N GLN A 312 -9.20 -21.16 -1.94
CA GLN A 312 -10.02 -22.32 -1.67
C GLN A 312 -9.33 -23.61 -2.14
N ALA A 313 -8.71 -23.58 -3.32
CA ALA A 313 -8.03 -24.75 -3.87
C ALA A 313 -6.86 -25.17 -3.00
N ASN A 314 -6.24 -24.19 -2.33
CA ASN A 314 -5.18 -24.47 -1.39
C ASN A 314 -5.70 -25.21 -0.15
N ALA A 315 -6.92 -24.88 0.27
CA ALA A 315 -7.61 -25.59 1.35
C ALA A 315 -8.23 -26.88 0.83
C3 0KF B . -1.80 7.86 7.98
C4 0KF B . -2.39 7.96 6.74
C2 0KF B . -0.80 6.95 8.23
C6 0KF B . -1.01 6.18 5.96
C11 0KF B . -3.57 7.71 1.78
C23 0KF B . 2.48 1.99 10.19
C5 0KF B . -2.01 7.10 5.74
C1 0KF B . -0.42 6.11 7.20
C10 0KF B . -3.61 6.53 2.49
C12 0KF B . -4.39 7.49 0.65
C24 0KF B . 1.88 1.05 10.95
C21 0KF B . 0.32 2.12 10.04
C20 0KF B . -0.88 2.57 9.61
C19 0KF B . -0.75 3.66 8.68
C18 0KF B . 0.45 4.16 8.30
C8 0KF B . -2.97 6.15 3.71
C27 0KF B . 3.87 0.00 11.91
C30 0KF B . 5.31 -0.96 13.83
C31 0KF B . 5.55 -1.82 12.61
C29 0KF B . 4.23 -1.12 12.80
C16 0KF B . -4.70 8.42 -0.44
C15 0KF B . -4.83 4.36 2.09
N13 0KF B . -4.92 6.27 0.65
N25 0KF B . 0.49 1.13 10.85
N32 0KF B . 1.55 3.72 8.73
N22 0KF B . 1.47 2.69 9.60
N14 0KF B . -4.44 5.72 1.77
N7 0KF B . -2.63 7.22 4.50
N26 0KF B . 2.51 0.09 11.72
O9 0KF B . -2.71 5.00 3.99
O28 0KF B . 4.72 0.74 11.44
O17 0KF B . 0.59 5.19 7.40
C1 EDO C . 12.75 -14.92 -5.56
O1 EDO C . 12.13 -15.84 -4.66
C2 EDO C . 14.12 -15.44 -6.02
O2 EDO C . 13.96 -16.70 -6.69
#